data_9KE7
#
_entry.id   9KE7
#
_cell.length_a   69.120
_cell.length_b   69.120
_cell.length_c   79.574
_cell.angle_alpha   90.00
_cell.angle_beta   90.00
_cell.angle_gamma   120.00
#
_symmetry.space_group_name_H-M   'P 31 2 1'
#
loop_
_entity.id
_entity.type
_entity.pdbx_description
1 polymer 'Peptidyl-prolyl cis-trans isomerase NIMA-interacting 1'
2 non-polymer N-ethyl-4-fluoranyl-benzenesulfonamide
3 non-polymer 3,6,9,12,15,18,21-HEPTAOXATRICOSANE-1,23-DIOL
4 non-polymer 'SULFATE ION'
5 water water
#
_entity_poly.entity_id   1
_entity_poly.type   'polypeptide(L)'
_entity_poly.pdbx_seq_one_letter_code
;MADEEKLPPGWEKAMSRSSGRVYYFNHITNASQWERPSGNSSSGGKNGQGEPARVRCSHLLVKHSQSRRPSSWRQEKITR
TKEEALELINGYIQKIKSGEEDFESLASQFSDCSSAKARGDLGAFSRGQMQKPFEDASFALRTGEMSGPVFTDSGIHIIL
RTE
;
_entity_poly.pdbx_strand_id   A
#
loop_
_chem_comp.id
_chem_comp.type
_chem_comp.name
_chem_comp.formula
A1EE7 non-polymer N-ethyl-4-fluoranyl-benzenesulfonamide 'C8 H10 F N O2 S'
PE8 non-polymer 3,6,9,12,15,18,21-HEPTAOXATRICOSANE-1,23-DIOL 'C16 H34 O9'
SO4 non-polymer 'SULFATE ION' 'O4 S -2'
#
# COMPACT_ATOMS: atom_id res chain seq x y z
N LEU A 7 7.94 2.41 22.05
CA LEU A 7 7.27 2.64 20.78
C LEU A 7 5.92 1.93 20.73
N PRO A 8 5.00 2.45 19.91
CA PRO A 8 3.77 1.71 19.63
C PRO A 8 4.08 0.30 19.15
N PRO A 9 3.15 -0.64 19.30
CA PRO A 9 3.33 -1.95 18.67
C PRO A 9 3.24 -1.84 17.16
N GLY A 10 3.96 -2.76 16.48
CA GLY A 10 4.13 -2.69 15.04
C GLY A 10 5.37 -1.91 14.61
N TRP A 11 5.86 -1.00 15.43
CA TRP A 11 6.96 -0.11 15.08
C TRP A 11 8.26 -0.57 15.73
N GLU A 12 9.35 -0.27 15.04
CA GLU A 12 10.67 -0.52 15.60
C GLU A 12 11.60 0.59 15.16
N LYS A 13 12.60 0.87 15.99
CA LYS A 13 13.73 1.71 15.62
C LYS A 13 14.56 1.02 14.55
N ALA A 14 15.13 1.82 13.66
CA ALA A 14 16.02 1.28 12.65
C ALA A 14 17.10 2.32 12.35
N MET A 15 18.13 1.90 11.62
CA MET A 15 19.24 2.78 11.29
C MET A 15 19.39 2.86 9.77
N SER A 16 19.41 4.10 9.27
CA SER A 16 19.63 4.31 7.84
C SER A 16 21.03 3.86 7.43
N ARG A 17 21.10 3.05 6.37
CA ARG A 17 22.39 2.58 5.89
C ARG A 17 23.17 3.64 5.16
N SER A 18 22.48 4.55 4.48
CA SER A 18 23.20 5.56 3.71
C SER A 18 23.58 6.75 4.56
N SER A 19 22.74 7.11 5.53
CA SER A 19 22.94 8.33 6.30
C SER A 19 23.31 8.11 7.76
N GLY A 20 23.05 6.93 8.31
CA GLY A 20 23.32 6.70 9.72
C GLY A 20 22.30 7.30 10.67
N ARG A 21 21.26 7.95 10.15
CA ARG A 21 20.21 8.54 10.95
C ARG A 21 19.17 7.50 11.37
N VAL A 22 18.72 7.60 12.62
CA VAL A 22 17.67 6.72 13.11
C VAL A 22 16.37 6.97 12.34
N TYR A 23 15.64 5.91 12.05
CA TYR A 23 14.28 6.06 11.50
C TYR A 23 13.39 5.00 12.12
N TYR A 24 12.11 4.99 11.73
CA TYR A 24 11.14 4.07 12.31
C TYR A 24 10.45 3.29 11.20
N PHE A 25 10.26 1.99 11.44
CA PHE A 25 9.71 1.07 10.46
C PHE A 25 8.58 0.27 11.09
N ASN A 26 7.48 0.10 10.34
CA ASN A 26 6.33 -0.67 10.80
C ASN A 26 6.26 -1.98 10.02
N HIS A 27 6.44 -3.11 10.72
CA HIS A 27 6.45 -4.38 10.00
C HIS A 27 5.06 -4.91 9.66
N ILE A 28 3.98 -4.20 10.01
CA ILE A 28 2.64 -4.62 9.60
C ILE A 28 2.21 -3.87 8.34
N THR A 29 2.60 -2.60 8.22
CA THR A 29 2.24 -1.77 7.09
C THR A 29 3.38 -1.57 6.12
N ASN A 30 4.61 -1.93 6.50
CA ASN A 30 5.81 -1.67 5.71
C ASN A 30 6.06 -0.18 5.48
N ALA A 31 5.49 0.67 6.32
CA ALA A 31 5.79 2.10 6.30
C ALA A 31 7.12 2.39 6.98
N SER A 32 7.82 3.40 6.48
CA SER A 32 9.03 3.88 7.13
C SER A 32 9.03 5.40 7.13
N GLN A 33 9.54 6.00 8.20
CA GLN A 33 9.48 7.45 8.36
C GLN A 33 10.56 7.89 9.34
N TRP A 34 10.93 9.18 9.25
CA TRP A 34 12.01 9.68 10.10
C TRP A 34 11.52 10.02 11.51
N GLU A 35 10.28 10.52 11.64
CA GLU A 35 9.80 10.96 12.95
C GLU A 35 9.27 9.80 13.79
N ARG A 36 9.37 9.95 15.10
CA ARG A 36 8.89 8.92 16.01
C ARG A 36 7.37 8.84 15.91
N PRO A 37 6.79 7.65 15.79
CA PRO A 37 5.35 7.55 15.60
C PRO A 37 4.57 7.90 16.87
N SER A 38 3.49 8.67 16.68
CA SER A 38 2.55 9.00 17.74
C SER A 38 1.24 9.45 17.10
N GLU A 51 -9.35 -0.59 18.93
CA GLU A 51 -9.12 -0.29 17.53
C GLU A 51 -10.48 -0.07 16.86
N PRO A 52 -10.52 0.68 15.75
CA PRO A 52 -11.80 1.02 15.13
C PRO A 52 -12.58 -0.22 14.71
N ALA A 53 -13.91 -0.15 14.86
CA ALA A 53 -14.77 -1.23 14.37
C ALA A 53 -14.59 -1.41 12.86
N ARG A 54 -14.48 -0.30 12.13
CA ARG A 54 -14.35 -0.31 10.69
C ARG A 54 -13.33 0.75 10.29
N VAL A 55 -12.74 0.60 9.11
CA VAL A 55 -11.87 1.60 8.53
C VAL A 55 -12.23 1.73 7.06
N ARG A 56 -11.89 2.89 6.50
CA ARG A 56 -12.06 3.14 5.07
C ARG A 56 -10.69 3.37 4.45
N CYS A 57 -10.40 2.64 3.37
CA CYS A 57 -9.12 2.75 2.68
C CYS A 57 -9.32 2.85 1.18
N SER A 58 -8.35 3.50 0.53
CA SER A 58 -8.11 3.38 -0.90
C SER A 58 -6.85 2.56 -1.11
N HIS A 59 -6.69 2.05 -2.33
CA HIS A 59 -5.46 1.31 -2.60
C HIS A 59 -5.10 1.45 -4.07
N LEU A 60 -3.83 1.18 -4.35
CA LEU A 60 -3.29 1.09 -5.69
C LEU A 60 -2.68 -0.30 -5.76
N LEU A 61 -3.19 -1.13 -6.67
CA LEU A 61 -2.73 -2.51 -6.82
C LEU A 61 -1.89 -2.66 -8.07
N VAL A 62 -0.74 -3.31 -7.96
CA VAL A 62 0.04 -3.67 -9.14
C VAL A 62 0.09 -5.20 -9.17
N LYS A 63 -0.52 -5.78 -10.20
CA LYS A 63 -0.54 -7.23 -10.32
C LYS A 63 0.74 -7.73 -10.98
N HIS A 64 1.00 -9.03 -10.86
CA HIS A 64 2.15 -9.67 -11.48
C HIS A 64 1.74 -11.04 -11.98
N SER A 65 2.68 -11.74 -12.62
CA SER A 65 2.34 -13.00 -13.28
C SER A 65 1.90 -14.08 -12.30
N GLN A 66 2.17 -13.93 -11.01
CA GLN A 66 1.76 -14.90 -10.01
C GLN A 66 0.51 -14.47 -9.24
N SER A 67 -0.14 -13.38 -9.65
CA SER A 67 -1.39 -12.96 -9.02
C SER A 67 -2.47 -14.02 -9.25
N ARG A 68 -3.43 -14.08 -8.31
CA ARG A 68 -4.49 -15.09 -8.41
C ARG A 68 -5.22 -14.99 -9.75
N ARG A 69 -5.50 -13.77 -10.19
CA ARG A 69 -6.04 -13.51 -11.52
C ARG A 69 -5.11 -12.55 -12.26
N PRO A 70 -4.22 -13.04 -13.13
CA PRO A 70 -3.21 -12.21 -13.80
C PRO A 70 -3.81 -11.46 -14.98
N SER A 71 -4.81 -10.64 -14.68
CA SER A 71 -5.62 -9.93 -15.66
C SER A 71 -6.17 -8.70 -14.96
N SER A 72 -6.45 -7.65 -15.75
CA SER A 72 -7.01 -6.43 -15.18
C SER A 72 -7.62 -5.61 -16.29
N TRP A 73 -8.33 -4.55 -15.90
CA TRP A 73 -8.89 -3.62 -16.88
C TRP A 73 -7.78 -2.98 -17.72
N ARG A 74 -6.54 -2.93 -17.20
CA ARG A 74 -5.43 -2.33 -17.94
C ARG A 74 -4.83 -3.29 -18.96
N GLN A 75 -4.76 -4.58 -18.62
CA GLN A 75 -4.04 -5.57 -19.41
C GLN A 75 -4.79 -6.88 -19.37
N GLU A 76 -5.10 -7.44 -20.54
CA GLU A 76 -5.79 -8.72 -20.56
C GLU A 76 -4.92 -9.82 -19.96
N LYS A 77 -3.63 -9.82 -20.29
CA LYS A 77 -2.68 -10.80 -19.75
C LYS A 77 -1.55 -10.05 -19.05
N ILE A 78 -1.50 -10.12 -17.73
CA ILE A 78 -0.46 -9.46 -16.96
C ILE A 78 0.73 -10.40 -16.87
N THR A 79 1.88 -9.94 -17.34
CA THR A 79 3.07 -10.76 -17.50
C THR A 79 4.28 -10.30 -16.71
N ARG A 80 4.24 -9.09 -16.14
CA ARG A 80 5.36 -8.59 -15.36
C ARG A 80 5.65 -9.50 -14.17
N THR A 81 6.93 -9.62 -13.84
CA THR A 81 7.33 -10.39 -12.68
C THR A 81 6.95 -9.67 -11.39
N LYS A 82 7.00 -10.40 -10.28
CA LYS A 82 6.76 -9.78 -8.99
C LYS A 82 7.83 -8.74 -8.67
N GLU A 83 9.08 -8.99 -9.07
CA GLU A 83 10.11 -7.98 -8.88
C GLU A 83 9.79 -6.71 -9.67
N GLU A 84 9.30 -6.86 -10.91
CA GLU A 84 8.94 -5.69 -11.72
C GLU A 84 7.76 -4.94 -11.11
N ALA A 85 6.77 -5.67 -10.60
CA ALA A 85 5.64 -5.04 -9.91
C ALA A 85 6.11 -4.24 -8.69
N LEU A 86 7.05 -4.79 -7.93
CA LEU A 86 7.55 -4.08 -6.75
C LEU A 86 8.30 -2.83 -7.15
N GLU A 87 9.06 -2.89 -8.25
CA GLU A 87 9.75 -1.68 -8.73
C GLU A 87 8.74 -0.59 -9.07
N LEU A 88 7.63 -0.97 -9.68
CA LEU A 88 6.60 0.01 -10.04
C LEU A 88 5.98 0.62 -8.79
N ILE A 89 5.59 -0.24 -7.83
CA ILE A 89 5.07 0.22 -6.54
C ILE A 89 6.05 1.18 -5.88
N ASN A 90 7.32 0.79 -5.80
CA ASN A 90 8.30 1.67 -5.15
C ASN A 90 8.38 3.03 -5.83
N GLY A 91 8.33 3.05 -7.17
CA GLY A 91 8.33 4.31 -7.87
C GLY A 91 7.11 5.16 -7.57
N TYR A 92 5.91 4.52 -7.53
CA TYR A 92 4.71 5.28 -7.18
C TYR A 92 4.82 5.85 -5.78
N ILE A 93 5.35 5.07 -4.84
CA ILE A 93 5.50 5.57 -3.47
C ILE A 93 6.41 6.79 -3.44
N GLN A 94 7.49 6.76 -4.22
CA GLN A 94 8.40 7.91 -4.28
C GLN A 94 7.68 9.16 -4.78
N LYS A 95 6.90 9.02 -5.85
CA LYS A 95 6.21 10.17 -6.45
C LYS A 95 5.14 10.71 -5.50
N ILE A 96 4.46 9.83 -4.78
CA ILE A 96 3.46 10.28 -3.81
C ILE A 96 4.13 11.02 -2.66
N LYS A 97 5.22 10.47 -2.14
CA LYS A 97 5.85 11.11 -0.98
C LYS A 97 6.54 12.41 -1.34
N SER A 98 7.00 12.57 -2.59
CA SER A 98 7.61 13.81 -3.02
C SER A 98 6.59 14.88 -3.37
N GLY A 99 5.31 14.51 -3.43
CA GLY A 99 4.28 15.42 -3.89
C GLY A 99 4.25 15.62 -5.39
N GLU A 100 5.14 14.96 -6.12
CA GLU A 100 5.16 15.10 -7.57
C GLU A 100 3.88 14.54 -8.18
N GLU A 101 3.26 13.56 -7.52
CA GLU A 101 2.02 12.95 -7.96
C GLU A 101 1.11 12.73 -6.75
N ASP A 102 -0.19 12.71 -6.98
CA ASP A 102 -1.14 12.38 -5.92
C ASP A 102 -1.47 10.90 -5.96
N PHE A 103 -1.73 10.33 -4.77
CA PHE A 103 -2.18 8.94 -4.69
C PHE A 103 -3.39 8.68 -5.58
N GLU A 104 -4.41 9.52 -5.47
CA GLU A 104 -5.64 9.30 -6.22
C GLU A 104 -5.39 9.32 -7.72
N SER A 105 -4.48 10.19 -8.17
CA SER A 105 -4.17 10.27 -9.59
C SER A 105 -3.50 9.01 -10.09
N LEU A 106 -2.49 8.53 -9.35
CA LEU A 106 -1.80 7.31 -9.74
C LEU A 106 -2.73 6.11 -9.65
N ALA A 107 -3.59 6.07 -8.63
CA ALA A 107 -4.54 4.96 -8.54
C ALA A 107 -5.46 4.91 -9.75
N SER A 108 -6.04 6.06 -10.14
CA SER A 108 -6.93 6.08 -11.29
C SER A 108 -6.22 5.65 -12.57
N GLN A 109 -4.94 6.00 -12.71
CA GLN A 109 -4.24 5.70 -13.95
C GLN A 109 -3.66 4.29 -13.97
N PHE A 110 -3.12 3.82 -12.86
CA PHE A 110 -2.25 2.64 -12.91
C PHE A 110 -2.64 1.48 -12.02
N SER A 111 -3.68 1.61 -11.20
CA SER A 111 -4.07 0.48 -10.39
C SER A 111 -4.70 -0.62 -11.24
N ASP A 112 -4.28 -1.86 -11.00
CA ASP A 112 -4.82 -3.04 -11.65
C ASP A 112 -6.10 -3.53 -11.01
N CYS A 113 -6.62 -2.83 -10.00
CA CYS A 113 -7.92 -3.14 -9.42
C CYS A 113 -9.02 -2.35 -10.12
N SER A 114 -10.21 -2.95 -10.21
CA SER A 114 -11.36 -2.26 -10.79
C SER A 114 -11.74 -1.00 -10.01
N SER A 115 -11.31 -0.87 -8.74
CA SER A 115 -11.54 0.35 -7.98
C SER A 115 -10.73 1.54 -8.50
N ALA A 116 -9.87 1.34 -9.50
CA ALA A 116 -9.16 2.45 -10.12
C ALA A 116 -10.14 3.54 -10.53
N LYS A 117 -11.30 3.14 -11.03
CA LYS A 117 -12.30 4.11 -11.54
C LYS A 117 -12.92 4.95 -10.42
N ALA A 118 -12.73 4.57 -9.16
CA ALA A 118 -13.17 5.33 -8.00
C ALA A 118 -11.97 5.88 -7.23
N ARG A 119 -10.88 6.20 -7.92
CA ARG A 119 -9.65 6.72 -7.30
C ARG A 119 -9.10 5.76 -6.24
N GLY A 120 -9.36 4.47 -6.40
CA GLY A 120 -8.88 3.44 -5.51
C GLY A 120 -9.72 3.20 -4.28
N ASP A 121 -10.80 3.96 -4.09
CA ASP A 121 -11.60 3.87 -2.88
C ASP A 121 -12.28 2.52 -2.79
N LEU A 122 -12.09 1.83 -1.66
CA LEU A 122 -12.73 0.55 -1.42
C LEU A 122 -13.96 0.67 -0.53
N GLY A 123 -14.22 1.85 0.04
CA GLY A 123 -15.25 1.98 1.03
C GLY A 123 -14.80 1.51 2.40
N ALA A 124 -15.75 1.48 3.32
CA ALA A 124 -15.49 1.05 4.68
C ALA A 124 -15.67 -0.46 4.82
N PHE A 125 -14.89 -1.06 5.71
CA PHE A 125 -14.95 -2.50 5.91
C PHE A 125 -14.51 -2.87 7.31
N SER A 126 -14.89 -4.08 7.73
CA SER A 126 -14.55 -4.65 9.02
C SER A 126 -13.44 -5.67 8.87
N ARG A 127 -12.95 -6.15 10.02
CA ARG A 127 -12.06 -7.30 10.02
C ARG A 127 -12.83 -8.53 9.55
N GLY A 128 -12.16 -9.38 8.79
CA GLY A 128 -12.76 -10.58 8.26
C GLY A 128 -13.28 -10.49 6.85
N GLN A 129 -13.14 -9.35 6.18
CA GLN A 129 -13.59 -9.23 4.80
C GLN A 129 -12.46 -9.24 3.78
N MET A 130 -11.33 -8.60 4.09
CA MET A 130 -10.26 -8.45 3.13
C MET A 130 -9.22 -9.55 3.33
N GLN A 131 -8.32 -9.67 2.36
CA GLN A 131 -7.22 -10.61 2.56
C GLN A 131 -6.39 -10.17 3.77
N LYS A 132 -5.83 -11.15 4.50
CA LYS A 132 -5.33 -10.83 5.83
C LYS A 132 -4.19 -9.81 5.85
N PRO A 133 -3.17 -9.87 4.98
CA PRO A 133 -2.13 -8.84 5.06
C PRO A 133 -2.67 -7.45 4.77
N PHE A 134 -3.63 -7.36 3.87
CA PHE A 134 -4.28 -6.09 3.56
C PHE A 134 -5.08 -5.58 4.75
N GLU A 135 -5.89 -6.46 5.35
CA GLU A 135 -6.63 -6.10 6.55
C GLU A 135 -5.70 -5.63 7.67
N ASP A 136 -4.66 -6.39 7.96
CA ASP A 136 -3.77 -6.03 9.07
C ASP A 136 -3.09 -4.69 8.82
N ALA A 137 -2.64 -4.44 7.59
CA ALA A 137 -2.07 -3.15 7.28
C ALA A 137 -3.09 -2.04 7.44
N SER A 138 -4.31 -2.25 6.94
CA SER A 138 -5.33 -1.20 6.97
C SER A 138 -5.63 -0.79 8.40
N PHE A 139 -5.77 -1.75 9.31
CA PHE A 139 -6.18 -1.44 10.67
C PHE A 139 -5.02 -0.93 11.52
N ALA A 140 -3.78 -1.12 11.07
CA ALA A 140 -2.62 -0.59 11.76
C ALA A 140 -2.25 0.82 11.31
N LEU A 141 -2.73 1.27 10.15
CA LEU A 141 -2.51 2.64 9.71
C LEU A 141 -3.32 3.62 10.55
N ARG A 142 -2.75 4.79 10.77
CA ARG A 142 -3.51 5.90 11.34
C ARG A 142 -4.33 6.58 10.24
N THR A 143 -5.38 7.30 10.64
CA THR A 143 -6.17 8.02 9.65
C THR A 143 -5.29 8.99 8.88
N GLY A 144 -5.33 8.90 7.55
CA GLY A 144 -4.49 9.72 6.70
C GLY A 144 -3.16 9.10 6.36
N GLU A 145 -2.79 7.99 6.99
CA GLU A 145 -1.45 7.47 6.80
C GLU A 145 -1.45 6.46 5.64
N MET A 146 -0.29 6.26 5.03
CA MET A 146 -0.16 5.41 3.85
C MET A 146 0.84 4.29 4.13
N SER A 147 0.58 3.12 3.58
CA SER A 147 1.42 1.95 3.79
C SER A 147 2.63 1.97 2.86
N GLY A 148 3.56 1.08 3.16
CA GLY A 148 4.56 0.69 2.18
C GLY A 148 3.97 -0.40 1.31
N PRO A 149 4.81 -1.12 0.58
CA PRO A 149 4.29 -2.23 -0.23
C PRO A 149 3.71 -3.33 0.66
N VAL A 150 2.46 -3.70 0.37
CA VAL A 150 1.77 -4.78 1.08
C VAL A 150 1.47 -5.90 0.08
N PHE A 151 1.92 -7.11 0.40
CA PHE A 151 1.80 -8.24 -0.51
C PHE A 151 0.57 -9.09 -0.17
N THR A 152 -0.23 -9.42 -1.19
CA THR A 152 -1.31 -10.38 -1.05
C THR A 152 -1.29 -11.31 -2.26
N ASP A 153 -2.20 -12.29 -2.25
CA ASP A 153 -2.40 -13.14 -3.41
C ASP A 153 -2.87 -12.35 -4.65
N SER A 154 -3.42 -11.14 -4.47
CA SER A 154 -3.78 -10.35 -5.64
C SER A 154 -2.59 -9.65 -6.27
N GLY A 155 -1.54 -9.37 -5.50
CA GLY A 155 -0.40 -8.61 -5.98
C GLY A 155 0.19 -7.76 -4.88
N ILE A 156 0.70 -6.59 -5.27
CA ILE A 156 1.35 -5.66 -4.35
C ILE A 156 0.52 -4.38 -4.29
N HIS A 157 0.19 -3.94 -3.06
CA HIS A 157 -0.70 -2.82 -2.82
C HIS A 157 0.04 -1.66 -2.16
N ILE A 158 -0.40 -0.44 -2.48
CA ILE A 158 -0.20 0.73 -1.63
C ILE A 158 -1.55 1.06 -1.03
N ILE A 159 -1.61 1.18 0.30
CA ILE A 159 -2.88 1.40 1.01
C ILE A 159 -2.88 2.79 1.64
N LEU A 160 -3.98 3.54 1.44
CA LEU A 160 -4.17 4.82 2.09
C LEU A 160 -5.40 4.75 2.98
N ARG A 161 -5.21 4.91 4.29
CA ARG A 161 -6.35 4.92 5.19
C ARG A 161 -7.00 6.31 5.17
N THR A 162 -8.27 6.36 4.81
CA THR A 162 -8.95 7.65 4.71
C THR A 162 -9.91 7.92 5.85
N GLU A 163 -10.38 6.88 6.55
CA GLU A 163 -11.26 7.06 7.71
C GLU A 163 -10.98 5.96 8.72
N1 A1EE7 B . -17.26 -0.41 -7.90
C4 A1EE7 B . -15.08 -0.93 -5.10
C5 A1EE7 B . -14.45 -1.90 -4.34
C6 A1EE7 B . -13.80 -2.90 -4.98
C7 A1EE7 B . -13.73 -3.00 -6.35
C8 A1EE7 B . -14.36 -2.04 -7.11
C1 A1EE7 B . -18.06 -2.24 -6.44
C2 A1EE7 B . -18.26 -0.81 -6.90
C3 A1EE7 B . -15.02 -1.00 -6.49
F1 A1EE7 B . -13.18 -3.85 -4.23
O1 A1EE7 B . -16.13 1.33 -6.59
O2 A1EE7 B . -15.10 0.43 -8.64
S1 A1EE7 B . -15.85 0.23 -7.45
O1 PE8 C . 6.22 4.77 4.12
C2 PE8 C . 5.98 3.91 3.01
C3 PE8 C . 7.24 3.40 2.39
O4 PE8 C . 8.00 4.50 1.90
C5 PE8 C . 9.26 4.10 1.37
C6 PE8 C . 9.95 5.28 0.77
O7 PE8 C . 10.13 6.29 1.76
C8 PE8 C . 10.96 7.36 1.32
C9 PE8 C . 11.12 8.35 2.42
O10 PE8 C . 11.65 7.69 3.56
C11 PE8 C . 11.84 8.58 4.67
C12 PE8 C . 12.46 7.82 5.80
O13 PE8 C . 13.59 7.12 5.32
C14 PE8 C . 14.25 6.36 6.34
C15 PE8 C . 15.17 5.37 5.71
O16 PE8 C . 14.42 4.37 5.03
C17 PE8 C . 15.16 3.15 4.87
C18 PE8 C . 14.25 2.09 4.35
O19 PE8 C . 13.83 2.43 3.03
C20 PE8 C . 12.73 1.66 2.56
C21 PE8 C . 12.23 2.24 1.27
O22 PE8 C . 13.12 1.90 0.21
C23 PE8 C . 12.84 0.62 -0.36
C24 PE8 C . 13.99 0.19 -1.21
O25 PE8 C . 13.61 -0.81 -2.16
S SO4 D . -6.51 7.09 14.36
O1 SO4 D . -6.43 7.37 15.80
O2 SO4 D . -6.30 5.66 14.15
O3 SO4 D . -7.83 7.51 13.86
O4 SO4 D . -5.48 7.86 13.66
S SO4 E . -7.35 -11.20 -7.74
O1 SO4 E . -7.28 -10.95 -6.30
O2 SO4 E . -5.99 -11.35 -8.30
O3 SO4 E . -8.09 -12.45 -7.93
O4 SO4 E . -8.06 -10.10 -8.39
S SO4 F . 4.80 -2.74 -17.11
O1 SO4 F . 5.03 -3.84 -16.18
O2 SO4 F . 5.85 -1.73 -16.92
O3 SO4 F . 4.85 -3.23 -18.49
O4 SO4 F . 3.49 -2.14 -16.86
#